data_4L8J
#
_entry.id   4L8J
#
_cell.length_a   69.536
_cell.length_b   69.536
_cell.length_c   187.676
_cell.angle_alpha   90.000
_cell.angle_beta   90.000
_cell.angle_gamma   90.000
#
_symmetry.space_group_name_H-M   'P 41 21 2'
#
loop_
_entity.id
_entity.type
_entity.pdbx_description
1 polymer 'Putative efflux transporter'
2 non-polymer DI(HYDROXYETHYL)ETHER
3 non-polymer GLYCEROL
4 water water
#
_entity_poly.entity_id   1
_entity_poly.type   'polypeptide(L)'
_entity_poly.pdbx_seq_one_letter_code
;GEDTALVRPVKTATVSSQSVILKDFSG(MSE)VEAVEYVKLAFRVSGQIINLPVVEGQRVKKGQLIAAIDPRDISLQYAA
DKAAYETAAAQVERNKRLLGRQAISLQEYEISVANYQKAKSAYELSTNN(MSE)RDTKLLAPFDGSIETRLVENYQRVNS
GEGIVRLVNTRKLRIKFTVPDDYLYLLRAKDATFKVEFDTYKGTVFNARLEEYLDISTDGTGIPVTIIIDDAAFDRTIYD
VKPGFTCNIRLASDIAPFIEEKL(MSE)NVPLSAVFGDSENKNTYVWIVKDNKVNRREVTVYSPTGEANLLISKGLKPGE
TVVTAGVYQLVEGQRIKEVK
;
_entity_poly.pdbx_strand_id   A
#
# COMPACT_ATOMS: atom_id res chain seq x y z
N ASP A 3 46.00 -13.41 -8.91
CA ASP A 3 45.85 -12.99 -7.52
C ASP A 3 44.36 -12.67 -7.21
N THR A 4 44.09 -11.91 -6.12
CA THR A 4 42.74 -11.50 -5.75
C THR A 4 42.24 -10.36 -6.71
N ALA A 5 43.20 -9.58 -7.29
CA ALA A 5 42.90 -8.49 -8.23
C ALA A 5 42.45 -9.03 -9.61
N LEU A 6 42.77 -10.33 -9.91
CA LEU A 6 42.34 -10.98 -11.14
C LEU A 6 40.87 -11.26 -11.02
N VAL A 7 40.08 -10.55 -11.79
CA VAL A 7 38.62 -10.64 -11.77
C VAL A 7 38.21 -11.85 -12.56
N ARG A 8 37.47 -12.74 -11.92
CA ARG A 8 37.01 -14.00 -12.48
C ARG A 8 35.53 -13.96 -12.71
N PRO A 9 35.04 -14.31 -13.93
CA PRO A 9 33.57 -14.40 -14.14
C PRO A 9 33.02 -15.64 -13.41
N VAL A 10 31.90 -15.51 -12.71
CA VAL A 10 31.32 -16.64 -11.96
C VAL A 10 29.83 -16.64 -12.11
N LYS A 11 29.21 -17.84 -12.10
CA LYS A 11 27.73 -17.94 -12.03
C LYS A 11 27.41 -18.04 -10.54
N THR A 12 26.29 -17.46 -10.12
CA THR A 12 25.90 -17.44 -8.72
C THR A 12 24.43 -17.79 -8.56
N ALA A 13 24.02 -18.01 -7.33
CA ALA A 13 22.62 -18.24 -6.95
C ALA A 13 22.41 -17.68 -5.59
N THR A 14 21.15 -17.39 -5.27
CA THR A 14 20.74 -16.90 -3.97
CA THR A 14 20.81 -16.91 -3.93
C THR A 14 20.37 -18.11 -3.09
N VAL A 15 20.79 -18.14 -1.83
CA VAL A 15 20.44 -19.20 -0.87
C VAL A 15 18.91 -19.05 -0.60
N SER A 16 18.15 -20.14 -0.69
CA SER A 16 16.70 -20.09 -0.47
C SER A 16 16.29 -21.05 0.66
N SER A 17 15.29 -20.65 1.42
CA SER A 17 14.73 -21.46 2.50
C SER A 17 13.96 -22.61 1.85
N GLN A 18 14.17 -23.84 2.30
CA GLN A 18 13.53 -25.01 1.67
C GLN A 18 12.02 -24.86 1.42
N SER A 19 11.26 -24.43 2.43
CA SER A 19 9.80 -24.43 2.33
C SER A 19 9.15 -23.09 1.96
N VAL A 20 9.94 -22.05 1.70
CA VAL A 20 9.40 -20.75 1.31
C VAL A 20 9.24 -20.75 -0.21
N ILE A 21 8.01 -20.62 -0.68
CA ILE A 21 7.69 -20.56 -2.11
C ILE A 21 7.63 -19.10 -2.54
N LEU A 22 8.31 -18.77 -3.63
CA LEU A 22 8.33 -17.41 -4.17
C LEU A 22 7.70 -17.40 -5.56
N LYS A 23 6.81 -16.43 -5.83
CA LYS A 23 6.18 -16.25 -7.14
C LYS A 23 6.16 -14.81 -7.48
N ASP A 24 6.39 -14.51 -8.76
CA ASP A 24 6.35 -13.16 -9.28
C ASP A 24 5.16 -13.00 -10.20
N PHE A 25 4.43 -11.91 -10.03
CA PHE A 25 3.27 -11.56 -10.83
C PHE A 25 3.40 -10.15 -11.31
N SER A 26 2.89 -9.89 -12.52
CA SER A 26 2.77 -8.58 -13.11
C SER A 26 1.42 -8.02 -12.71
N GLY A 27 1.44 -6.77 -12.30
CA GLY A 27 0.27 -6.04 -11.86
C GLY A 27 0.25 -4.63 -12.35
N VAL A 29 -1.24 -0.50 -11.29
CA VAL A 29 -1.79 0.47 -10.36
C VAL A 29 -3.21 0.77 -10.85
N GLU A 30 -4.18 0.62 -9.94
CA GLU A 30 -5.60 0.81 -10.24
C GLU A 30 -5.93 2.24 -10.47
N ALA A 31 -6.90 2.48 -11.39
CA ALA A 31 -7.39 3.82 -11.67
C ALA A 31 -8.09 4.37 -10.44
N VAL A 32 -8.02 5.69 -10.24
CA VAL A 32 -8.71 6.31 -9.09
C VAL A 32 -9.76 7.26 -9.66
N GLU A 33 -10.92 7.32 -9.01
CA GLU A 33 -12.02 8.18 -9.44
C GLU A 33 -11.76 9.64 -9.02
N TYR A 34 -11.77 10.56 -9.99
CA TYR A 34 -11.57 11.97 -9.66
C TYR A 34 -12.87 12.51 -9.09
N VAL A 35 -12.77 13.16 -7.92
CA VAL A 35 -13.90 13.77 -7.24
C VAL A 35 -13.97 15.24 -7.66
N LYS A 36 -15.12 15.64 -8.20
CA LYS A 36 -15.38 17.01 -8.64
C LYS A 36 -15.78 17.80 -7.40
N LEU A 37 -15.00 18.82 -7.06
CA LEU A 37 -15.27 19.66 -5.89
C LEU A 37 -16.04 20.87 -6.31
N ALA A 38 -17.07 21.20 -5.54
CA ALA A 38 -17.87 22.36 -5.88
C ALA A 38 -18.38 23.05 -4.63
N PHE A 39 -18.64 24.36 -4.75
CA PHE A 39 -19.23 25.15 -3.66
C PHE A 39 -20.71 24.74 -3.48
N ARG A 40 -21.24 24.87 -2.26
CA ARG A 40 -22.65 24.55 -2.02
C ARG A 40 -23.49 25.85 -2.13
N VAL A 41 -22.80 26.98 -2.37
CA VAL A 41 -23.36 28.34 -2.53
C VAL A 41 -22.86 28.92 -3.84
N SER A 42 -23.51 29.98 -4.32
CA SER A 42 -23.13 30.69 -5.54
C SER A 42 -22.39 31.97 -5.15
N GLY A 43 -21.44 32.37 -5.98
CA GLY A 43 -20.68 33.59 -5.71
C GLY A 43 -19.49 33.79 -6.60
N GLN A 44 -18.71 34.82 -6.29
CA GLN A 44 -17.49 35.14 -7.02
C GLN A 44 -16.25 34.61 -6.27
N ILE A 45 -15.46 33.73 -6.92
CA ILE A 45 -14.20 33.24 -6.34
C ILE A 45 -13.28 34.44 -6.11
N ILE A 46 -12.72 34.59 -4.91
CA ILE A 46 -11.80 35.68 -4.59
C ILE A 46 -10.44 35.10 -4.17
N ASN A 47 -10.40 33.78 -3.97
CA ASN A 47 -9.17 33.09 -3.60
C ASN A 47 -9.18 31.68 -4.19
N LEU A 48 -8.11 31.34 -4.90
CA LEU A 48 -7.86 30.05 -5.52
C LEU A 48 -6.38 29.71 -5.18
N PRO A 49 -6.09 29.35 -3.92
CA PRO A 49 -4.68 29.26 -3.50
C PRO A 49 -3.93 27.99 -3.91
N VAL A 50 -4.61 27.01 -4.54
CA VAL A 50 -4.01 25.74 -4.97
C VAL A 50 -3.72 25.73 -6.49
N VAL A 51 -2.75 24.91 -6.91
CA VAL A 51 -2.33 24.74 -8.31
C VAL A 51 -2.44 23.26 -8.69
N GLU A 52 -2.47 22.98 -10.00
CA GLU A 52 -2.49 21.60 -10.53
C GLU A 52 -1.23 20.86 -10.13
N GLY A 53 -1.40 19.65 -9.62
CA GLY A 53 -0.29 18.80 -9.17
C GLY A 53 0.01 18.92 -7.69
N GLN A 54 -0.56 19.95 -7.03
CA GLN A 54 -0.36 20.19 -5.61
C GLN A 54 -1.03 19.11 -4.78
N ARG A 55 -0.33 18.69 -3.73
CA ARG A 55 -0.80 17.71 -2.78
C ARG A 55 -1.41 18.47 -1.62
N VAL A 56 -2.68 18.20 -1.34
CA VAL A 56 -3.43 18.87 -0.28
C VAL A 56 -3.86 17.84 0.77
N LYS A 57 -4.15 18.34 1.97
CA LYS A 57 -4.61 17.58 3.11
C LYS A 57 -6.09 17.85 3.35
N LYS A 58 -6.82 16.90 3.98
CA LYS A 58 -8.22 17.08 4.35
C LYS A 58 -8.36 18.36 5.16
N GLY A 59 -9.35 19.19 4.83
CA GLY A 59 -9.60 20.46 5.51
C GLY A 59 -8.92 21.68 4.94
N GLN A 60 -7.88 21.46 4.10
CA GLN A 60 -7.11 22.54 3.46
C GLN A 60 -7.99 23.36 2.52
N LEU A 61 -7.77 24.69 2.45
CA LEU A 61 -8.54 25.57 1.59
C LEU A 61 -8.26 25.28 0.10
N ILE A 62 -9.31 25.13 -0.69
CA ILE A 62 -9.22 24.93 -2.15
C ILE A 62 -9.56 26.23 -2.84
N ALA A 63 -10.65 26.87 -2.39
CA ALA A 63 -11.14 28.11 -2.99
C ALA A 63 -12.07 28.81 -2.04
N ALA A 64 -12.22 30.14 -2.20
CA ALA A 64 -13.17 30.91 -1.39
C ALA A 64 -13.91 31.88 -2.25
N ILE A 65 -15.21 32.07 -1.98
CA ILE A 65 -16.03 33.07 -2.69
C ILE A 65 -16.13 34.31 -1.79
N ASP A 66 -16.42 35.49 -2.40
CA ASP A 66 -16.61 36.76 -1.69
C ASP A 66 -17.78 36.58 -0.71
N PRO A 67 -17.50 36.64 0.63
CA PRO A 67 -18.55 36.37 1.61
C PRO A 67 -19.48 37.56 1.91
N ARG A 68 -19.25 38.72 1.26
CA ARG A 68 -19.95 39.98 1.50
C ARG A 68 -21.48 39.83 1.65
N ASP A 69 -22.20 39.35 0.61
CA ASP A 69 -23.66 39.24 0.59
C ASP A 69 -24.18 38.24 1.62
N ILE A 70 -23.57 37.05 1.69
CA ILE A 70 -23.93 36.01 2.64
C ILE A 70 -23.73 36.53 4.08
N SER A 71 -22.63 37.30 4.30
CA SER A 71 -22.31 37.90 5.60
C SER A 71 -23.43 38.85 6.06
N LEU A 72 -24.01 39.63 5.12
CA LEU A 72 -25.10 40.57 5.39
C LEU A 72 -26.37 39.82 5.80
N GLN A 73 -26.73 38.74 5.07
CA GLN A 73 -27.86 37.90 5.39
C GLN A 73 -27.67 37.22 6.74
N TYR A 74 -26.45 36.74 7.03
CA TYR A 74 -26.09 36.09 8.29
C TYR A 74 -26.38 37.02 9.50
N ALA A 75 -25.83 38.26 9.49
CA ALA A 75 -25.99 39.26 10.55
C ALA A 75 -27.47 39.67 10.75
N ALA A 76 -28.27 39.69 9.66
CA ALA A 76 -29.70 40.01 9.71
C ALA A 76 -30.48 38.81 10.29
N ASP A 77 -30.12 37.59 9.87
CA ASP A 77 -30.78 36.37 10.37
C ASP A 77 -30.39 36.14 11.83
N LYS A 78 -29.14 36.49 12.21
CA LYS A 78 -28.63 36.38 13.59
C LYS A 78 -29.45 37.28 14.51
N ALA A 79 -29.60 38.57 14.16
CA ALA A 79 -30.38 39.54 14.92
C ALA A 79 -31.86 39.07 15.03
N ALA A 80 -32.49 38.66 13.90
CA ALA A 80 -33.87 38.17 13.88
C ALA A 80 -34.05 36.94 14.79
N TYR A 81 -33.05 36.03 14.82
CA TYR A 81 -33.07 34.84 15.68
C TYR A 81 -32.99 35.25 17.13
N GLU A 82 -32.06 36.16 17.48
CA GLU A 82 -31.87 36.62 18.86
C GLU A 82 -33.11 37.31 19.41
N THR A 83 -33.81 38.14 18.59
CA THR A 83 -35.07 38.80 18.99
C THR A 83 -36.18 37.75 19.18
N ALA A 84 -36.31 36.80 18.23
CA ALA A 84 -37.36 35.76 18.34
C ALA A 84 -37.12 34.86 19.55
N ALA A 85 -35.85 34.53 19.83
CA ALA A 85 -35.50 33.68 20.99
C ALA A 85 -35.85 34.40 22.32
N ALA A 86 -35.53 35.70 22.43
CA ALA A 86 -35.81 36.50 23.63
C ALA A 86 -37.32 36.63 23.83
N GLN A 87 -38.08 36.87 22.72
CA GLN A 87 -39.52 37.01 22.79
CA GLN A 87 -39.54 36.99 22.67
C GLN A 87 -40.19 35.69 23.25
N VAL A 88 -39.74 34.49 22.79
CA VAL A 88 -40.33 33.20 23.23
C VAL A 88 -40.03 32.93 24.70
N GLU A 89 -38.83 33.28 25.21
CA GLU A 89 -38.46 33.04 26.62
C GLU A 89 -39.31 33.87 27.54
N ARG A 90 -39.59 35.11 27.13
CA ARG A 90 -40.47 36.06 27.79
C ARG A 90 -41.88 35.49 27.84
N ASN A 91 -42.39 35.00 26.68
CA ASN A 91 -43.74 34.44 26.57
C ASN A 91 -43.88 33.13 27.35
N LYS A 92 -42.78 32.36 27.53
CA LYS A 92 -42.81 31.14 28.36
C LYS A 92 -43.14 31.54 29.80
N ARG A 93 -42.48 32.61 30.28
CA ARG A 93 -42.69 33.15 31.63
C ARG A 93 -44.08 33.73 31.79
N LEU A 94 -44.59 34.50 30.78
CA LEU A 94 -45.94 35.09 30.74
C LEU A 94 -47.04 34.02 30.69
N LEU A 95 -46.84 32.96 29.88
CA LEU A 95 -47.85 31.89 29.79
C LEU A 95 -47.88 31.08 31.10
N GLY A 96 -46.70 30.81 31.67
CA GLY A 96 -46.52 30.08 32.93
C GLY A 96 -47.29 30.64 34.12
N ARG A 97 -47.70 31.93 34.04
CA ARG A 97 -48.49 32.63 35.04
C ARG A 97 -49.81 33.09 34.41
N GLN A 98 -50.09 32.61 33.17
CA GLN A 98 -51.30 32.88 32.39
C GLN A 98 -51.53 34.40 32.11
N ALA A 99 -50.45 35.17 31.91
CA ALA A 99 -50.50 36.60 31.59
C ALA A 99 -50.72 36.88 30.08
N ILE A 100 -50.55 35.85 29.22
CA ILE A 100 -50.69 35.92 27.76
C ILE A 100 -51.55 34.77 27.23
N SER A 101 -52.16 34.94 26.05
CA SER A 101 -52.94 33.87 25.41
C SER A 101 -52.05 32.75 24.89
N LEU A 102 -52.58 31.53 24.83
CA LEU A 102 -51.85 30.43 24.25
C LEU A 102 -51.61 30.73 22.75
N GLN A 103 -52.61 31.35 22.09
CA GLN A 103 -52.58 31.78 20.69
C GLN A 103 -51.35 32.64 20.41
N GLU A 104 -51.09 33.64 21.26
CA GLU A 104 -49.96 34.56 21.14
C GLU A 104 -48.67 33.82 21.41
N TYR A 105 -48.63 32.95 22.45
CA TYR A 105 -47.45 32.13 22.75
C TYR A 105 -47.10 31.24 21.55
N GLU A 106 -48.12 30.59 20.95
CA GLU A 106 -47.95 29.69 19.81
C GLU A 106 -47.37 30.41 18.60
N ILE A 107 -47.89 31.61 18.31
CA ILE A 107 -47.38 32.45 17.24
C ILE A 107 -45.89 32.69 17.50
N SER A 108 -45.51 33.03 18.75
CA SER A 108 -44.10 33.31 19.07
C SER A 108 -43.23 32.04 18.94
N VAL A 109 -43.79 30.84 19.21
CA VAL A 109 -43.01 29.59 19.01
C VAL A 109 -42.79 29.34 17.49
N ALA A 110 -43.85 29.51 16.70
CA ALA A 110 -43.78 29.32 15.25
C ALA A 110 -42.79 30.32 14.63
N ASN A 111 -42.83 31.58 15.08
CA ASN A 111 -41.91 32.64 14.63
C ASN A 111 -40.45 32.31 14.98
N TYR A 112 -40.23 31.71 16.15
CA TYR A 112 -38.90 31.31 16.61
C TYR A 112 -38.32 30.23 15.71
N GLN A 113 -39.11 29.18 15.37
CA GLN A 113 -38.63 28.11 14.50
C GLN A 113 -38.30 28.66 13.11
N LYS A 114 -39.13 29.58 12.58
CA LYS A 114 -38.90 30.26 11.29
C LYS A 114 -37.56 31.00 11.33
N ALA A 115 -37.34 31.82 12.38
CA ALA A 115 -36.10 32.57 12.59
C ALA A 115 -34.89 31.63 12.76
N LYS A 116 -35.07 30.53 13.52
CA LYS A 116 -34.05 29.51 13.75
C LYS A 116 -33.62 28.85 12.43
N SER A 117 -34.61 28.40 11.62
CA SER A 117 -34.34 27.76 10.33
C SER A 117 -33.60 28.71 9.35
N ALA A 118 -33.98 30.01 9.33
CA ALA A 118 -33.33 31.04 8.50
C ALA A 118 -31.87 31.25 8.94
N TYR A 119 -31.63 31.31 10.27
CA TYR A 119 -30.28 31.49 10.84
C TYR A 119 -29.40 30.22 10.60
N GLU A 120 -29.98 29.02 10.65
CA GLU A 120 -29.24 27.78 10.40
C GLU A 120 -28.73 27.75 8.95
N LEU A 121 -29.59 28.15 8.00
CA LEU A 121 -29.27 28.20 6.57
C LEU A 121 -28.16 29.23 6.32
N SER A 122 -28.26 30.46 6.92
CA SER A 122 -27.24 31.48 6.72
CA SER A 122 -27.25 31.50 6.76
C SER A 122 -25.91 31.08 7.39
N THR A 123 -25.96 30.30 8.50
CA THR A 123 -24.76 29.79 9.21
C THR A 123 -24.02 28.81 8.28
N ASN A 124 -24.77 27.94 7.57
CA ASN A 124 -24.21 26.98 6.63
C ASN A 124 -23.62 27.68 5.41
N ASN A 125 -24.35 28.68 4.86
CA ASN A 125 -23.92 29.45 3.69
C ASN A 125 -22.61 30.18 3.99
N ARG A 127 -20.27 29.22 6.28
CA ARG A 127 -19.25 28.18 6.33
C ARG A 127 -18.89 27.74 4.90
N ASP A 128 -19.91 27.65 4.02
CA ASP A 128 -19.74 27.17 2.65
C ASP A 128 -19.07 28.18 1.70
N THR A 129 -18.74 29.41 2.18
CA THR A 129 -17.97 30.39 1.37
C THR A 129 -16.52 29.90 1.21
N LYS A 130 -16.07 28.95 2.05
CA LYS A 130 -14.73 28.35 1.95
C LYS A 130 -14.87 26.92 1.52
N LEU A 131 -14.35 26.57 0.34
CA LEU A 131 -14.42 25.20 -0.14
C LEU A 131 -13.15 24.46 0.33
N LEU A 132 -13.31 23.39 1.09
CA LEU A 132 -12.17 22.66 1.68
C LEU A 132 -11.98 21.29 1.07
N ALA A 133 -10.76 20.72 1.16
CA ALA A 133 -10.49 19.38 0.64
C ALA A 133 -11.20 18.34 1.54
N PRO A 134 -12.08 17.50 0.97
CA PRO A 134 -12.82 16.53 1.82
C PRO A 134 -11.92 15.35 2.27
N PHE A 135 -10.76 15.17 1.62
CA PHE A 135 -9.75 14.14 1.94
C PHE A 135 -8.36 14.56 1.43
N ASP A 136 -7.30 13.88 1.92
CA ASP A 136 -5.92 14.07 1.44
C ASP A 136 -5.88 13.68 -0.02
N GLY A 137 -5.40 14.58 -0.87
CA GLY A 137 -5.36 14.28 -2.29
C GLY A 137 -4.49 15.19 -3.11
N SER A 138 -4.63 15.08 -4.43
CA SER A 138 -3.86 15.90 -5.34
C SER A 138 -4.77 16.55 -6.36
N ILE A 139 -4.47 17.83 -6.66
CA ILE A 139 -5.24 18.60 -7.61
C ILE A 139 -4.91 18.12 -8.99
N GLU A 140 -5.83 17.35 -9.58
CA GLU A 140 -5.65 16.84 -10.93
C GLU A 140 -5.92 17.96 -11.92
N THR A 141 -6.99 18.73 -11.71
CA THR A 141 -7.35 19.82 -12.62
C THR A 141 -7.98 21.00 -11.88
N ARG A 142 -7.61 22.21 -12.30
CA ARG A 142 -8.18 23.47 -11.87
C ARG A 142 -9.16 23.91 -12.96
N LEU A 143 -10.47 23.88 -12.64
CA LEU A 143 -11.55 24.12 -13.62
C LEU A 143 -12.01 25.57 -13.74
N VAL A 144 -11.62 26.43 -12.79
CA VAL A 144 -12.05 27.83 -12.77
C VAL A 144 -10.83 28.72 -12.58
N GLU A 145 -11.05 30.04 -12.66
CA GLU A 145 -10.05 31.08 -12.47
C GLU A 145 -10.43 31.94 -11.28
N ASN A 146 -9.47 32.67 -10.70
CA ASN A 146 -9.78 33.56 -9.59
C ASN A 146 -10.58 34.76 -10.13
N TYR A 147 -11.47 35.33 -9.30
CA TYR A 147 -12.39 36.45 -9.57
C TYR A 147 -13.48 36.04 -10.62
N GLN A 148 -13.62 34.73 -10.89
CA GLN A 148 -14.68 34.16 -11.75
C GLN A 148 -15.92 33.86 -10.89
N ARG A 149 -17.11 34.15 -11.44
CA ARG A 149 -18.40 33.92 -10.80
C ARG A 149 -18.88 32.50 -11.09
N VAL A 150 -19.30 31.77 -10.05
CA VAL A 150 -19.73 30.37 -10.13
C VAL A 150 -21.06 30.15 -9.40
N ASN A 151 -21.73 29.03 -9.72
CA ASN A 151 -22.96 28.58 -9.10
C ASN A 151 -22.67 27.36 -8.20
N SER A 152 -23.69 26.88 -7.47
CA SER A 152 -23.56 25.68 -6.64
C SER A 152 -23.43 24.49 -7.56
N GLY A 153 -22.62 23.53 -7.16
CA GLY A 153 -22.40 22.33 -7.96
C GLY A 153 -21.46 22.51 -9.14
N GLU A 154 -21.09 23.76 -9.48
CA GLU A 154 -20.16 24.03 -10.58
C GLU A 154 -18.76 23.59 -10.16
N GLY A 155 -18.16 22.70 -10.96
CA GLY A 155 -16.82 22.15 -10.70
C GLY A 155 -15.76 23.22 -10.50
N ILE A 156 -15.02 23.13 -9.38
CA ILE A 156 -13.97 24.11 -9.08
C ILE A 156 -12.61 23.45 -9.38
N VAL A 157 -12.39 22.24 -8.84
CA VAL A 157 -11.21 21.41 -9.07
C VAL A 157 -11.65 19.94 -9.11
N ARG A 158 -10.76 19.09 -9.68
CA ARG A 158 -10.86 17.63 -9.71
C ARG A 158 -9.75 17.16 -8.80
N LEU A 159 -10.13 16.56 -7.67
CA LEU A 159 -9.23 16.07 -6.63
C LEU A 159 -9.20 14.53 -6.64
N VAL A 160 -7.99 13.92 -6.76
CA VAL A 160 -7.87 12.47 -6.73
C VAL A 160 -7.39 12.05 -5.34
N ASN A 161 -8.10 11.09 -4.71
CA ASN A 161 -7.79 10.57 -3.39
C ASN A 161 -6.47 9.81 -3.44
N THR A 162 -5.50 10.19 -2.59
CA THR A 162 -4.18 9.58 -2.60
C THR A 162 -3.89 8.84 -1.31
N ARG A 163 -4.92 8.56 -0.48
CA ARG A 163 -4.72 7.84 0.78
C ARG A 163 -4.16 6.42 0.55
N LYS A 164 -4.62 5.74 -0.53
CA LYS A 164 -4.23 4.36 -0.79
C LYS A 164 -3.67 4.14 -2.18
N LEU A 165 -2.56 3.42 -2.24
CA LEU A 165 -2.05 3.06 -3.55
C LEU A 165 -2.40 1.58 -3.77
N ARG A 166 -3.44 1.33 -4.56
CA ARG A 166 -3.96 0.01 -4.89
C ARG A 166 -3.33 -0.54 -6.15
N ILE A 167 -2.98 -1.82 -6.09
CA ILE A 167 -2.37 -2.58 -7.18
C ILE A 167 -3.21 -3.81 -7.38
N LYS A 168 -3.61 -4.05 -8.64
CA LYS A 168 -4.39 -5.22 -9.02
C LYS A 168 -3.53 -6.16 -9.86
N PHE A 169 -3.70 -7.46 -9.63
CA PHE A 169 -3.05 -8.52 -10.41
C PHE A 169 -3.91 -9.74 -10.31
N THR A 170 -3.68 -10.71 -11.18
CA THR A 170 -4.45 -11.94 -11.17
C THR A 170 -3.50 -13.10 -10.95
N VAL A 171 -3.88 -13.94 -10.06
CA VAL A 171 -3.08 -15.09 -9.73
C VAL A 171 -3.70 -16.34 -10.39
N PRO A 172 -2.90 -17.19 -11.07
CA PRO A 172 -3.44 -18.46 -11.55
C PRO A 172 -4.15 -19.25 -10.42
N ASP A 173 -5.30 -19.85 -10.75
CA ASP A 173 -6.12 -20.61 -9.81
C ASP A 173 -5.35 -21.68 -9.04
N ASP A 174 -4.35 -22.32 -9.67
CA ASP A 174 -3.57 -23.37 -9.00
C ASP A 174 -2.69 -22.83 -7.86
N TYR A 175 -2.51 -21.50 -7.77
CA TYR A 175 -1.71 -20.88 -6.73
C TYR A 175 -2.57 -20.35 -5.57
N LEU A 176 -3.86 -20.76 -5.48
CA LEU A 176 -4.72 -20.38 -4.37
C LEU A 176 -4.09 -20.75 -3.01
N TYR A 177 -3.43 -21.93 -2.90
CA TYR A 177 -2.80 -22.39 -1.65
C TYR A 177 -1.70 -21.41 -1.19
N LEU A 178 -1.03 -20.74 -2.16
CA LEU A 178 0.00 -19.77 -1.81
C LEU A 178 -0.63 -18.52 -1.23
N LEU A 179 -1.81 -18.09 -1.75
CA LEU A 179 -2.51 -16.93 -1.21
C LEU A 179 -3.12 -17.21 0.16
N ARG A 180 -3.52 -18.46 0.41
CA ARG A 180 -4.11 -18.88 1.68
C ARG A 180 -3.03 -19.13 2.77
N ALA A 181 -1.75 -19.38 2.39
CA ALA A 181 -0.71 -19.66 3.38
C ALA A 181 -0.63 -18.55 4.41
N LYS A 182 -0.52 -18.95 5.70
CA LYS A 182 -0.42 -18.02 6.82
C LYS A 182 0.77 -17.13 6.66
N ASP A 183 0.57 -15.84 6.92
CA ASP A 183 1.63 -14.83 6.90
C ASP A 183 2.30 -14.69 5.50
N ALA A 184 1.59 -15.04 4.40
CA ALA A 184 2.07 -14.79 3.02
C ALA A 184 2.39 -13.29 2.90
N THR A 185 3.51 -12.92 2.27
CA THR A 185 3.88 -11.50 2.13
C THR A 185 3.85 -11.07 0.65
N PHE A 186 3.70 -9.76 0.42
CA PHE A 186 3.69 -9.13 -0.91
C PHE A 186 4.68 -8.01 -0.92
N LYS A 187 5.61 -8.04 -1.88
CA LYS A 187 6.61 -7.00 -2.07
CA LYS A 187 6.61 -6.99 -2.07
C LYS A 187 6.49 -6.49 -3.50
N VAL A 188 6.36 -5.16 -3.65
CA VAL A 188 6.19 -4.51 -4.96
C VAL A 188 7.44 -3.78 -5.41
N GLU A 189 7.76 -3.98 -6.66
CA GLU A 189 8.81 -3.27 -7.35
C GLU A 189 8.19 -2.63 -8.61
N PHE A 190 8.10 -1.27 -8.65
CA PHE A 190 7.51 -0.56 -9.80
C PHE A 190 8.51 -0.55 -10.96
N ASP A 191 8.01 -0.82 -12.18
CA ASP A 191 8.82 -0.81 -13.41
C ASP A 191 9.47 0.58 -13.65
N THR A 192 8.78 1.67 -13.25
CA THR A 192 9.27 3.07 -13.38
C THR A 192 10.35 3.39 -12.31
N TYR A 193 10.46 2.57 -11.23
CA TYR A 193 11.41 2.78 -10.13
C TYR A 193 12.07 1.48 -9.71
N LYS A 194 12.67 0.78 -10.69
CA LYS A 194 13.33 -0.49 -10.43
C LYS A 194 14.49 -0.35 -9.42
N GLY A 195 14.68 -1.38 -8.61
CA GLY A 195 15.72 -1.44 -7.59
C GLY A 195 15.22 -1.20 -6.17
N THR A 196 14.05 -0.56 -6.02
CA THR A 196 13.49 -0.29 -4.70
C THR A 196 12.20 -1.11 -4.55
N VAL A 197 12.16 -1.88 -3.47
CA VAL A 197 11.07 -2.80 -3.16
C VAL A 197 10.26 -2.25 -1.99
N PHE A 198 8.93 -2.26 -2.13
CA PHE A 198 8.02 -1.78 -1.10
C PHE A 198 7.12 -2.88 -0.57
N ASN A 199 6.93 -2.93 0.75
CA ASN A 199 6.00 -3.85 1.36
C ASN A 199 4.59 -3.44 1.00
N ALA A 200 3.73 -4.43 0.84
CA ALA A 200 2.35 -4.18 0.51
C ALA A 200 1.51 -5.11 1.34
N ARG A 201 0.27 -4.72 1.62
CA ARG A 201 -0.60 -5.59 2.37
C ARG A 201 -1.79 -6.03 1.52
N LEU A 202 -2.36 -7.18 1.86
CA LEU A 202 -3.53 -7.66 1.17
C LEU A 202 -4.73 -6.79 1.45
N GLU A 203 -5.46 -6.39 0.41
CA GLU A 203 -6.70 -5.69 0.63
C GLU A 203 -7.83 -6.70 0.53
N GLU A 204 -7.81 -7.52 -0.54
CA GLU A 204 -8.83 -8.53 -0.80
C GLU A 204 -8.49 -9.33 -2.06
N TYR A 205 -9.13 -10.48 -2.24
CA TYR A 205 -9.02 -11.25 -3.47
C TYR A 205 -10.33 -11.97 -3.69
N LEU A 206 -10.75 -12.08 -4.97
CA LEU A 206 -11.99 -12.77 -5.30
C LEU A 206 -11.71 -14.28 -5.42
N ASP A 207 -12.27 -15.08 -4.48
CA ASP A 207 -12.05 -16.52 -4.47
C ASP A 207 -13.29 -17.33 -4.87
N ILE A 208 -13.36 -17.64 -6.16
CA ILE A 208 -14.30 -18.57 -6.82
C ILE A 208 -13.42 -19.43 -7.75
N SER A 209 -12.52 -20.26 -7.16
CA SER A 209 -11.56 -21.11 -7.88
C SER A 209 -12.27 -22.06 -8.89
N THR A 210 -13.57 -22.33 -8.64
CA THR A 210 -14.52 -23.14 -9.40
C THR A 210 -14.64 -22.69 -10.87
N ASP A 211 -14.64 -21.38 -11.11
CA ASP A 211 -14.83 -20.74 -12.42
C ASP A 211 -13.62 -20.78 -13.38
N GLY A 212 -12.44 -21.22 -12.89
CA GLY A 212 -11.20 -21.30 -13.68
C GLY A 212 -10.83 -20.05 -14.45
N THR A 213 -10.98 -18.88 -13.84
CA THR A 213 -10.67 -17.62 -14.54
C THR A 213 -9.54 -16.80 -13.83
N GLY A 214 -8.79 -17.43 -12.93
CA GLY A 214 -7.73 -16.74 -12.19
C GLY A 214 -8.29 -16.07 -10.93
N ILE A 215 -7.39 -15.66 -10.04
CA ILE A 215 -7.79 -15.02 -8.78
C ILE A 215 -7.42 -13.54 -8.83
N PRO A 216 -8.38 -12.63 -9.06
CA PRO A 216 -8.06 -11.18 -9.00
C PRO A 216 -7.74 -10.80 -7.54
N VAL A 217 -6.59 -10.17 -7.35
CA VAL A 217 -6.07 -9.77 -6.05
C VAL A 217 -5.88 -8.26 -6.04
N THR A 218 -6.21 -7.61 -4.93
CA THR A 218 -5.91 -6.20 -4.71
C THR A 218 -5.01 -6.09 -3.50
N ILE A 219 -3.91 -5.35 -3.64
CA ILE A 219 -2.97 -5.11 -2.56
C ILE A 219 -2.83 -3.59 -2.40
N ILE A 220 -2.37 -3.14 -1.22
CA ILE A 220 -2.13 -1.71 -0.94
C ILE A 220 -0.71 -1.54 -0.41
N ILE A 221 -0.01 -0.52 -0.92
CA ILE A 221 1.35 -0.21 -0.45
C ILE A 221 1.26 0.20 1.03
N ASP A 222 2.08 -0.46 1.85
CA ASP A 222 2.12 -0.28 3.29
C ASP A 222 3.58 -0.28 3.70
N ASP A 223 4.24 0.83 3.43
CA ASP A 223 5.66 0.98 3.64
C ASP A 223 6.00 2.44 3.90
N ALA A 224 6.69 2.72 5.01
CA ALA A 224 7.09 4.09 5.41
C ALA A 224 7.97 4.75 4.34
N ALA A 225 8.85 3.96 3.65
CA ALA A 225 9.74 4.46 2.60
C ALA A 225 8.99 4.92 1.34
N PHE A 226 7.69 4.55 1.19
CA PHE A 226 6.92 4.93 0.02
C PHE A 226 6.47 6.38 0.13
N ASP A 227 7.37 7.29 -0.29
CA ASP A 227 7.19 8.73 -0.32
C ASP A 227 6.74 9.09 -1.75
N ARG A 228 5.48 9.52 -1.90
CA ARG A 228 4.91 9.82 -3.21
C ARG A 228 5.47 11.12 -3.84
N THR A 229 6.20 11.93 -3.05
CA THR A 229 6.89 13.12 -3.56
C THR A 229 8.15 12.66 -4.32
N ILE A 230 8.74 11.50 -3.90
CA ILE A 230 9.92 10.88 -4.53
C ILE A 230 9.46 9.85 -5.59
N TYR A 231 8.56 8.91 -5.19
CA TYR A 231 8.06 7.87 -6.09
C TYR A 231 6.69 8.27 -6.63
N ASP A 232 6.68 8.93 -7.79
CA ASP A 232 5.48 9.44 -8.45
C ASP A 232 4.86 8.34 -9.30
N VAL A 233 4.01 7.53 -8.66
CA VAL A 233 3.33 6.39 -9.27
C VAL A 233 1.91 6.82 -9.63
N LYS A 234 1.47 6.53 -10.84
CA LYS A 234 0.14 6.92 -11.34
C LYS A 234 -0.70 5.70 -11.77
N PRO A 235 -2.05 5.81 -11.84
CA PRO A 235 -2.85 4.69 -12.37
C PRO A 235 -2.33 4.20 -13.72
N GLY A 236 -2.34 2.90 -13.95
CA GLY A 236 -1.85 2.35 -15.20
C GLY A 236 -0.39 1.90 -15.15
N PHE A 237 0.39 2.46 -14.19
CA PHE A 237 1.79 2.07 -13.95
C PHE A 237 1.87 0.59 -13.67
N THR A 238 2.84 -0.08 -14.25
CA THR A 238 2.97 -1.53 -14.05
C THR A 238 4.04 -1.82 -13.01
N CYS A 239 4.01 -3.03 -12.46
CA CYS A 239 4.93 -3.41 -11.42
C CYS A 239 5.05 -4.90 -11.33
N ASN A 240 6.02 -5.36 -10.54
CA ASN A 240 6.18 -6.76 -10.22
C ASN A 240 5.72 -6.95 -8.80
N ILE A 241 4.97 -8.02 -8.55
CA ILE A 241 4.52 -8.40 -7.19
C ILE A 241 5.19 -9.70 -6.86
N ARG A 242 6.00 -9.67 -5.81
CA ARG A 242 6.65 -10.90 -5.32
C ARG A 242 5.84 -11.42 -4.14
N LEU A 243 5.24 -12.60 -4.30
CA LEU A 243 4.48 -13.29 -3.24
C LEU A 243 5.42 -14.30 -2.58
N ALA A 244 5.60 -14.25 -1.24
CA ALA A 244 6.43 -15.21 -0.46
C ALA A 244 5.58 -15.92 0.56
N SER A 245 5.51 -17.25 0.44
CA SER A 245 4.67 -18.06 1.30
C SER A 245 5.47 -19.21 1.90
N ASP A 246 5.52 -19.28 3.25
CA ASP A 246 6.14 -20.43 3.90
C ASP A 246 5.05 -21.51 4.00
N ILE A 247 5.14 -22.55 3.15
CA ILE A 247 4.14 -23.61 3.15
C ILE A 247 4.40 -24.70 4.21
N ALA A 248 5.51 -24.61 4.97
CA ALA A 248 5.79 -25.59 6.05
C ALA A 248 6.41 -24.86 7.25
N PRO A 249 5.67 -23.93 7.89
CA PRO A 249 6.26 -23.14 8.98
C PRO A 249 6.60 -23.97 10.22
N PHE A 250 5.97 -25.12 10.38
CA PHE A 250 6.13 -26.07 11.48
C PHE A 250 7.53 -26.69 11.54
N ILE A 251 8.33 -26.66 10.44
CA ILE A 251 9.67 -27.28 10.38
C ILE A 251 10.53 -26.69 11.48
N GLU A 252 11.08 -27.54 12.36
CA GLU A 252 11.92 -27.09 13.48
C GLU A 252 13.28 -26.55 12.98
N GLU A 253 14.16 -27.42 12.46
CA GLU A 253 15.47 -27.01 11.94
CA GLU A 253 15.45 -26.95 11.96
C GLU A 253 15.37 -26.65 10.45
N LYS A 254 15.33 -25.34 10.15
CA LYS A 254 15.21 -24.80 8.81
C LYS A 254 16.42 -25.21 7.93
N LEU A 255 16.12 -25.75 6.74
CA LEU A 255 17.11 -26.17 5.77
C LEU A 255 17.16 -25.18 4.62
N ASN A 257 18.49 -24.32 0.54
CA ASN A 257 18.82 -24.90 -0.75
C ASN A 257 20.04 -24.23 -1.34
N VAL A 258 20.96 -25.05 -1.85
CA VAL A 258 22.07 -24.58 -2.68
C VAL A 258 22.29 -25.61 -3.79
N PRO A 259 22.67 -25.20 -5.02
CA PRO A 259 23.02 -26.22 -6.04
C PRO A 259 24.21 -27.06 -5.58
N LEU A 260 24.24 -28.32 -6.00
CA LEU A 260 25.37 -29.21 -5.68
C LEU A 260 26.69 -28.58 -6.17
N SER A 261 26.68 -27.95 -7.36
CA SER A 261 27.87 -27.34 -7.97
C SER A 261 28.48 -26.18 -7.11
N ALA A 262 27.76 -25.71 -6.08
CA ALA A 262 28.26 -24.67 -5.19
C ALA A 262 29.18 -25.24 -4.09
N VAL A 263 29.01 -26.54 -3.76
CA VAL A 263 29.69 -27.15 -2.64
C VAL A 263 31.00 -27.85 -3.06
N PHE A 264 32.06 -27.65 -2.25
CA PHE A 264 33.37 -28.25 -2.47
C PHE A 264 34.01 -28.66 -1.14
N GLY A 265 35.05 -29.48 -1.24
CA GLY A 265 35.78 -29.98 -0.08
C GLY A 265 37.11 -29.28 0.15
N ASP A 266 37.95 -29.92 0.96
CA ASP A 266 39.30 -29.49 1.32
C ASP A 266 40.21 -30.72 1.29
N SER A 267 41.42 -30.60 0.72
CA SER A 267 42.36 -31.74 0.67
C SER A 267 42.89 -32.10 2.07
N GLU A 268 42.72 -31.20 3.06
CA GLU A 268 43.20 -31.38 4.44
C GLU A 268 42.15 -31.88 5.42
N ASN A 269 40.85 -31.94 5.03
CA ASN A 269 39.80 -32.39 5.96
C ASN A 269 38.56 -32.98 5.23
N LYS A 270 37.53 -33.34 6.02
CA LYS A 270 36.27 -33.91 5.50
C LYS A 270 35.12 -32.82 5.43
N ASN A 271 35.45 -31.53 5.68
CA ASN A 271 34.47 -30.43 5.67
C ASN A 271 33.97 -30.03 4.29
N THR A 272 32.79 -29.41 4.26
CA THR A 272 32.18 -28.92 3.03
C THR A 272 32.09 -27.41 3.09
N TYR A 273 32.33 -26.76 1.96
CA TYR A 273 32.35 -25.31 1.83
C TYR A 273 31.58 -24.82 0.63
N VAL A 274 31.31 -23.51 0.63
CA VAL A 274 30.79 -22.71 -0.48
C VAL A 274 31.63 -21.42 -0.56
N TRP A 275 31.50 -20.71 -1.68
CA TRP A 275 32.06 -19.36 -1.84
C TRP A 275 30.90 -18.40 -1.67
N ILE A 276 30.94 -17.56 -0.65
CA ILE A 276 29.95 -16.51 -0.42
C ILE A 276 30.41 -15.26 -1.21
N VAL A 277 29.50 -14.67 -1.97
CA VAL A 277 29.75 -13.45 -2.74
C VAL A 277 29.22 -12.25 -1.96
N LYS A 278 30.14 -11.40 -1.50
CA LYS A 278 29.84 -10.14 -0.81
C LYS A 278 30.72 -9.05 -1.43
N ASP A 279 30.07 -7.98 -1.92
CA ASP A 279 30.64 -6.81 -2.58
C ASP A 279 31.60 -7.24 -3.72
N ASN A 280 31.07 -8.11 -4.62
CA ASN A 280 31.78 -8.64 -5.80
C ASN A 280 33.16 -9.28 -5.47
N LYS A 281 33.30 -9.86 -4.24
CA LYS A 281 34.46 -10.62 -3.78
C LYS A 281 33.97 -11.94 -3.14
N VAL A 282 34.80 -12.98 -3.19
CA VAL A 282 34.42 -14.27 -2.60
C VAL A 282 35.19 -14.54 -1.32
N ASN A 283 34.52 -15.22 -0.38
CA ASN A 283 35.06 -15.67 0.91
C ASN A 283 34.51 -17.04 1.20
N ARG A 284 35.39 -17.97 1.58
CA ARG A 284 35.01 -19.34 1.86
C ARG A 284 34.15 -19.44 3.14
N ARG A 285 33.12 -20.28 3.06
CA ARG A 285 32.17 -20.49 4.13
C ARG A 285 31.93 -21.98 4.33
N GLU A 286 32.20 -22.48 5.55
CA GLU A 286 31.95 -23.87 5.87
C GLU A 286 30.44 -24.08 6.08
N VAL A 287 29.93 -25.14 5.48
CA VAL A 287 28.51 -25.50 5.54
C VAL A 287 28.39 -26.97 6.01
N THR A 288 27.21 -27.34 6.52
CA THR A 288 26.86 -28.69 6.90
C THR A 288 25.76 -29.11 5.95
N VAL A 289 26.03 -30.14 5.17
CA VAL A 289 25.07 -30.72 4.25
C VAL A 289 24.12 -31.59 5.09
N TYR A 290 22.81 -31.42 4.91
CA TYR A 290 21.83 -32.21 5.63
C TYR A 290 21.99 -33.70 5.31
N SER A 291 22.14 -34.50 6.37
CA SER A 291 22.25 -35.94 6.26
C SER A 291 21.44 -36.61 7.39
N PRO A 292 20.44 -37.47 7.03
CA PRO A 292 19.65 -38.14 8.09
C PRO A 292 20.54 -39.08 8.93
N THR A 293 21.16 -40.09 8.29
CA THR A 293 22.01 -41.05 9.00
C THR A 293 23.43 -41.02 8.42
N GLY A 294 24.38 -40.62 9.27
CA GLY A 294 25.81 -40.57 8.97
C GLY A 294 26.28 -39.48 8.03
N GLU A 295 26.99 -39.90 6.95
CA GLU A 295 27.57 -39.00 5.96
C GLU A 295 26.64 -38.84 4.76
N ALA A 296 26.56 -37.62 4.19
CA ALA A 296 25.69 -37.34 3.04
C ALA A 296 26.03 -38.25 1.85
N ASN A 297 24.98 -38.82 1.23
CA ASN A 297 25.10 -39.70 0.06
CA ASN A 297 25.03 -39.73 0.10
C ASN A 297 24.31 -39.12 -1.11
N LEU A 298 24.76 -39.48 -2.35
CA LEU A 298 24.14 -39.06 -3.60
C LEU A 298 23.57 -40.27 -4.34
N LEU A 299 22.49 -40.03 -5.08
CA LEU A 299 21.95 -41.03 -5.98
C LEU A 299 22.49 -40.73 -7.34
N ILE A 300 23.01 -41.77 -8.01
CA ILE A 300 23.64 -41.74 -9.32
C ILE A 300 22.76 -42.51 -10.28
N SER A 301 22.34 -41.82 -11.36
CA SER A 301 21.45 -42.39 -12.38
C SER A 301 22.22 -42.99 -13.54
N LYS A 302 23.49 -42.58 -13.74
CA LYS A 302 24.30 -43.09 -14.86
C LYS A 302 25.77 -43.02 -14.55
N GLY A 303 26.54 -43.97 -15.10
CA GLY A 303 28.00 -43.99 -14.99
C GLY A 303 28.64 -44.99 -14.02
N LEU A 304 27.82 -45.72 -13.25
CA LEU A 304 28.32 -46.70 -12.28
C LEU A 304 27.54 -48.01 -12.30
N LYS A 305 28.22 -49.11 -11.96
CA LYS A 305 27.60 -50.43 -11.81
C LYS A 305 27.76 -50.86 -10.34
N PRO A 306 26.84 -51.68 -9.76
CA PRO A 306 27.03 -52.13 -8.37
C PRO A 306 28.32 -52.91 -8.21
N GLY A 307 28.97 -52.75 -7.08
CA GLY A 307 30.19 -53.48 -6.81
C GLY A 307 31.47 -52.78 -7.18
N GLU A 308 31.41 -51.74 -8.03
CA GLU A 308 32.61 -50.97 -8.37
C GLU A 308 33.11 -50.22 -7.14
N THR A 309 34.40 -49.87 -7.10
CA THR A 309 35.01 -49.17 -5.98
C THR A 309 35.30 -47.71 -6.33
N VAL A 310 34.84 -46.77 -5.50
CA VAL A 310 35.11 -45.33 -5.69
C VAL A 310 35.96 -44.79 -4.53
N VAL A 311 36.76 -43.73 -4.77
CA VAL A 311 37.53 -43.04 -3.72
C VAL A 311 36.54 -42.10 -2.97
N THR A 312 36.56 -42.08 -1.63
CA THR A 312 35.68 -41.22 -0.83
C THR A 312 36.48 -40.16 -0.02
N ALA A 313 37.80 -40.31 0.08
CA ALA A 313 38.72 -39.39 0.77
C ALA A 313 40.08 -39.44 0.08
N GLY A 314 40.56 -38.27 -0.30
CA GLY A 314 41.81 -38.09 -1.03
C GLY A 314 41.57 -37.76 -2.49
N VAL A 315 40.35 -37.34 -2.86
CA VAL A 315 39.99 -37.09 -4.28
C VAL A 315 40.77 -35.93 -4.91
N TYR A 316 41.28 -34.96 -4.11
CA TYR A 316 41.97 -33.78 -4.66
C TYR A 316 43.49 -33.98 -4.86
N GLN A 317 44.05 -35.06 -4.36
CA GLN A 317 45.48 -35.31 -4.47
C GLN A 317 45.77 -36.46 -5.44
N LEU A 318 44.93 -36.62 -6.47
CA LEU A 318 45.05 -37.74 -7.41
C LEU A 318 45.06 -37.28 -8.86
N VAL A 319 45.74 -38.06 -9.70
CA VAL A 319 45.79 -37.86 -11.16
C VAL A 319 45.42 -39.20 -11.84
N GLU A 320 44.98 -39.14 -13.10
CA GLU A 320 44.59 -40.29 -13.90
C GLU A 320 45.67 -41.38 -13.90
N GLY A 321 45.30 -42.59 -13.52
CA GLY A 321 46.21 -43.74 -13.48
C GLY A 321 47.08 -43.87 -12.24
N GLN A 322 46.99 -42.92 -11.30
CA GLN A 322 47.84 -42.94 -10.10
C GLN A 322 47.58 -44.17 -9.22
N ARG A 323 48.66 -44.77 -8.71
CA ARG A 323 48.59 -45.87 -7.76
C ARG A 323 48.06 -45.37 -6.42
N ILE A 324 47.31 -46.23 -5.71
CA ILE A 324 46.79 -45.85 -4.40
C ILE A 324 47.00 -46.97 -3.41
N LYS A 325 46.74 -46.67 -2.12
CA LYS A 325 46.69 -47.67 -1.09
C LYS A 325 45.38 -47.43 -0.35
N GLU A 326 44.53 -48.44 -0.31
CA GLU A 326 43.26 -48.33 0.39
C GLU A 326 43.53 -48.37 1.89
N VAL A 327 43.08 -47.33 2.62
CA VAL A 327 43.30 -47.25 4.07
C VAL A 327 41.93 -47.16 4.76
N LYS A 328 41.83 -47.62 6.03
CA LYS A 328 40.58 -47.62 6.77
C LYS A 328 40.34 -46.26 7.46
#